data_8YE5
#
_entry.id   8YE5
#
_cell.length_a   59.202
_cell.length_b   31.590
_cell.length_c   65.651
_cell.angle_alpha   90.000
_cell.angle_beta   109.880
_cell.angle_gamma   90.000
#
_symmetry.space_group_name_H-M   'P 1 21 1'
#
loop_
_entity.id
_entity.type
_entity.pdbx_description
1 polymer TmrC
2 water water
#
_entity_poly.entity_id   1
_entity_poly.type   'polypeptide(L)'
_entity_poly.pdbx_seq_one_letter_code
;GPSPNLDGTRLREEGNEAFKAGRYHEAIRYYTQAIEVDPDSEFLYTNRSFAYFNIKEFEKSAADAAKAVEINANFFKGHY
RLGLAQMSLNDFGHAMESLRKAWALAPSENKEAIRVAMAKCESKMARAP
;
_entity_poly.pdbx_strand_id   A,B
#
# COMPACT_ATOMS: atom_id res chain seq x y z
N SER A 3 -3.86 -27.15 13.67
CA SER A 3 -3.81 -25.69 13.72
C SER A 3 -4.72 -25.10 12.66
N PRO A 4 -5.33 -23.93 12.93
CA PRO A 4 -5.77 -23.11 11.80
C PRO A 4 -4.49 -22.69 11.12
N ASN A 5 -4.29 -23.10 9.89
CA ASN A 5 -3.11 -22.75 9.10
C ASN A 5 -3.51 -21.60 8.20
N LEU A 6 -3.05 -20.41 8.53
CA LEU A 6 -3.54 -19.19 7.90
C LEU A 6 -2.53 -18.66 6.90
N ASP A 7 -3.06 -18.08 5.83
CA ASP A 7 -2.28 -17.44 4.78
C ASP A 7 -1.98 -16.02 5.24
N GLY A 8 -0.75 -15.82 5.74
CA GLY A 8 -0.33 -14.51 6.19
C GLY A 8 -0.06 -13.52 5.07
N THR A 9 0.24 -14.01 3.87
CA THR A 9 0.39 -13.11 2.73
C THR A 9 -0.94 -12.43 2.41
N ARG A 10 -2.03 -13.20 2.43
CA ARG A 10 -3.36 -12.61 2.17
C ARG A 10 -3.74 -11.63 3.27
N LEU A 11 -3.43 -11.97 4.52
CA LEU A 11 -3.75 -11.06 5.63
C LEU A 11 -2.97 -9.77 5.51
N ARG A 12 -1.69 -9.85 5.13
CA ARG A 12 -0.91 -8.65 4.89
C ARG A 12 -1.54 -7.79 3.79
N GLU A 13 -1.97 -8.41 2.69
CA GLU A 13 -2.49 -7.58 1.62
C GLU A 13 -3.85 -7.01 1.98
N GLU A 14 -4.63 -7.75 2.77
CA GLU A 14 -5.89 -7.21 3.28
C GLU A 14 -5.62 -6.02 4.18
N GLY A 15 -4.58 -6.12 5.01
CA GLY A 15 -4.19 -4.98 5.83
C GLY A 15 -3.81 -3.78 4.97
N ASN A 16 -3.07 -4.03 3.89
CA ASN A 16 -2.68 -2.95 2.99
C ASN A 16 -3.90 -2.31 2.33
N GLU A 17 -4.86 -3.14 1.88
CA GLU A 17 -6.07 -2.59 1.28
C GLU A 17 -6.85 -1.76 2.27
N ALA A 18 -6.97 -2.24 3.51
CA ALA A 18 -7.67 -1.48 4.52
C ALA A 18 -6.95 -0.18 4.80
N PHE A 19 -5.62 -0.22 4.85
CA PHE A 19 -4.87 1.00 5.11
C PHE A 19 -5.11 2.03 4.01
N LYS A 20 -5.17 1.57 2.75
CA LYS A 20 -5.40 2.47 1.61
C LYS A 20 -6.75 3.16 1.72
N ALA A 21 -7.75 2.49 2.27
CA ALA A 21 -9.10 3.03 2.42
C ALA A 21 -9.28 3.92 3.65
N GLY A 22 -8.27 4.07 4.50
CA GLY A 22 -8.49 4.78 5.73
C GLY A 22 -9.08 3.93 6.84
N ARG A 23 -9.23 2.63 6.61
CA ARG A 23 -9.79 1.72 7.61
C ARG A 23 -8.65 1.22 8.51
N TYR A 24 -8.17 2.14 9.35
CA TYR A 24 -6.94 1.88 10.11
C TYR A 24 -7.15 0.83 11.19
N HIS A 25 -8.29 0.85 11.89
CA HIS A 25 -8.54 -0.19 12.87
C HIS A 25 -8.57 -1.57 12.22
N GLU A 26 -9.20 -1.69 11.06
CA GLU A 26 -9.18 -2.98 10.37
C GLU A 26 -7.77 -3.32 9.89
N ALA A 27 -7.03 -2.34 9.39
CA ALA A 27 -5.65 -2.62 9.00
C ALA A 27 -4.86 -3.17 10.18
N ILE A 28 -5.04 -2.57 11.36
CA ILE A 28 -4.33 -3.05 12.55
C ILE A 28 -4.69 -4.50 12.84
N ARG A 29 -5.98 -4.84 12.70
CA ARG A 29 -6.43 -6.20 12.94
C ARG A 29 -5.74 -7.17 11.99
N TYR A 30 -5.77 -6.87 10.69
CA TYR A 30 -5.22 -7.82 9.73
C TYR A 30 -3.71 -7.89 9.82
N TYR A 31 -3.04 -6.75 10.02
CA TYR A 31 -1.59 -6.77 10.24
C TYR A 31 -1.24 -7.57 11.48
N THR A 32 -2.03 -7.47 12.54
CA THR A 32 -1.75 -8.24 13.76
C THR A 32 -1.86 -9.73 13.49
N GLN A 33 -2.88 -10.14 12.72
CA GLN A 33 -3.00 -11.54 12.34
C GLN A 33 -1.82 -11.99 11.48
N ALA A 34 -1.41 -11.14 10.54
CA ALA A 34 -0.27 -11.45 9.69
C ALA A 34 1.03 -11.54 10.48
N ILE A 35 1.20 -10.68 11.48
CA ILE A 35 2.42 -10.72 12.28
C ILE A 35 2.51 -12.03 13.05
N GLU A 36 1.37 -12.60 13.45
CA GLU A 36 1.39 -13.90 14.12
C GLU A 36 1.95 -14.97 13.21
N VAL A 37 1.73 -14.83 11.90
CA VAL A 37 2.23 -15.81 10.93
C VAL A 37 3.63 -15.47 10.42
N ASP A 38 3.96 -14.18 10.34
CA ASP A 38 5.20 -13.69 9.74
C ASP A 38 5.78 -12.69 10.74
N PRO A 39 6.40 -13.17 11.81
CA PRO A 39 6.78 -12.29 12.92
C PRO A 39 8.07 -11.51 12.73
N ASP A 40 8.74 -11.61 11.58
CA ASP A 40 10.02 -10.93 11.37
C ASP A 40 10.02 -10.11 10.08
N SER A 41 8.92 -9.39 9.83
CA SER A 41 8.84 -8.52 8.67
C SER A 41 8.91 -7.07 9.13
N GLU A 42 9.97 -6.38 8.71
CA GLU A 42 10.07 -4.95 9.02
C GLU A 42 8.96 -4.18 8.32
N PHE A 43 8.48 -4.70 7.18
CA PHE A 43 7.42 -4.00 6.45
C PHE A 43 6.11 -4.10 7.21
N LEU A 44 5.81 -5.27 7.76
CA LEU A 44 4.55 -5.44 8.50
C LEU A 44 4.54 -4.55 9.74
N TYR A 45 5.64 -4.53 10.48
CA TYR A 45 5.68 -3.72 11.68
C TYR A 45 5.66 -2.24 11.36
N THR A 46 6.31 -1.82 10.27
CA THR A 46 6.25 -0.41 9.87
C THR A 46 4.85 -0.03 9.41
N ASN A 47 4.18 -0.93 8.66
CA ASN A 47 2.82 -0.65 8.22
C ASN A 47 1.88 -0.56 9.41
N ARG A 48 2.02 -1.47 10.37
CA ARG A 48 1.16 -1.37 11.55
C ARG A 48 1.50 -0.14 12.37
N SER A 49 2.79 0.24 12.42
CA SER A 49 3.16 1.46 13.11
C SER A 49 2.46 2.66 12.48
N PHE A 50 2.41 2.71 11.16
CA PHE A 50 1.77 3.82 10.46
C PHE A 50 0.27 3.84 10.76
N ALA A 51 -0.36 2.67 10.79
CA ALA A 51 -1.78 2.61 11.10
C ALA A 51 -2.07 3.10 12.51
N TYR A 52 -1.23 2.72 13.49
CA TYR A 52 -1.41 3.19 14.86
C TYR A 52 -1.21 4.69 14.95
N PHE A 53 -0.20 5.22 14.26
CA PHE A 53 0.00 6.66 14.23
C PHE A 53 -1.25 7.37 13.73
N ASN A 54 -1.87 6.84 12.68
CA ASN A 54 -3.03 7.49 12.08
C ASN A 54 -4.26 7.47 12.97
N ILE A 55 -4.28 6.64 14.02
CA ILE A 55 -5.37 6.68 14.99
C ILE A 55 -4.91 7.26 16.32
N LYS A 56 -3.78 7.96 16.34
CA LYS A 56 -3.26 8.69 17.50
C LYS A 56 -2.83 7.77 18.63
N GLU A 57 -2.50 6.52 18.30
CA GLU A 57 -1.93 5.59 19.26
C GLU A 57 -0.41 5.65 19.13
N PHE A 58 0.16 6.73 19.66
CA PHE A 58 1.56 7.05 19.37
C PHE A 58 2.53 6.11 20.08
N GLU A 59 2.20 5.67 21.30
CA GLU A 59 3.08 4.74 21.98
C GLU A 59 3.12 3.40 21.26
N LYS A 60 1.96 2.91 20.83
CA LYS A 60 1.93 1.66 20.08
C LYS A 60 2.62 1.82 18.74
N SER A 61 2.46 2.98 18.12
CA SER A 61 3.16 3.24 16.87
C SER A 61 4.67 3.19 17.07
N ALA A 62 5.16 3.83 18.13
CA ALA A 62 6.59 3.82 18.37
C ALA A 62 7.08 2.41 18.68
N ALA A 63 6.29 1.63 19.42
CA ALA A 63 6.73 0.28 19.73
C ALA A 63 6.87 -0.57 18.48
N ASP A 64 5.90 -0.47 17.56
CA ASP A 64 6.00 -1.22 16.31
C ASP A 64 7.17 -0.75 15.47
N ALA A 65 7.39 0.57 15.38
CA ALA A 65 8.49 1.04 14.56
C ALA A 65 9.83 0.63 15.16
N ALA A 66 9.91 0.60 16.49
CA ALA A 66 11.13 0.14 17.15
C ALA A 66 11.37 -1.33 16.85
N LYS A 67 10.30 -2.12 16.75
CA LYS A 67 10.46 -3.51 16.36
C LYS A 67 10.96 -3.62 14.92
N ALA A 68 10.43 -2.79 14.01
CA ALA A 68 10.95 -2.78 12.66
C ALA A 68 12.44 -2.45 12.62
N VAL A 69 12.88 -1.54 13.48
CA VAL A 69 14.30 -1.18 13.51
C VAL A 69 15.12 -2.35 14.04
N GLU A 70 14.61 -3.05 15.05
CA GLU A 70 15.24 -4.28 15.52
C GLU A 70 15.37 -5.31 14.40
N ILE A 71 14.31 -5.49 13.62
CA ILE A 71 14.33 -6.49 12.55
C ILE A 71 15.29 -6.11 11.44
N ASN A 72 15.30 -4.83 11.07
CA ASN A 72 16.16 -4.37 9.98
C ASN A 72 16.53 -2.91 10.26
N ALA A 73 17.67 -2.71 10.93
CA ALA A 73 18.14 -1.37 11.22
C ALA A 73 18.47 -0.56 9.97
N ASN A 74 18.54 -1.18 8.80
CA ASN A 74 18.87 -0.47 7.56
C ASN A 74 17.64 -0.13 6.73
N PHE A 75 16.43 -0.40 7.22
CA PHE A 75 15.20 -0.03 6.52
C PHE A 75 14.81 1.38 6.99
N PHE A 76 14.86 2.34 6.05
CA PHE A 76 14.68 3.75 6.42
C PHE A 76 13.32 4.01 7.04
N LYS A 77 12.28 3.30 6.59
CA LYS A 77 10.93 3.67 6.99
C LYS A 77 10.67 3.31 8.45
N GLY A 78 11.33 2.29 8.97
CA GLY A 78 11.20 2.01 10.40
C GLY A 78 11.67 3.18 11.23
N HIS A 79 12.86 3.71 10.90
CA HIS A 79 13.38 4.87 11.63
C HIS A 79 12.49 6.09 11.44
N TYR A 80 11.99 6.30 10.23
CA TYR A 80 11.12 7.45 9.97
C TYR A 80 9.84 7.36 10.80
N ARG A 81 9.17 6.21 10.78
CA ARG A 81 7.95 6.06 11.56
C ARG A 81 8.25 6.20 13.04
N LEU A 82 9.38 5.66 13.50
CA LEU A 82 9.75 5.79 14.90
C LEU A 82 9.95 7.26 15.27
N GLY A 83 10.68 8.00 14.43
CA GLY A 83 10.91 9.40 14.72
C GLY A 83 9.62 10.21 14.75
N LEU A 84 8.70 9.95 13.82
CA LEU A 84 7.44 10.68 13.82
C LEU A 84 6.65 10.39 15.10
N ALA A 85 6.64 9.13 15.54
CA ALA A 85 5.92 8.79 16.75
C ALA A 85 6.60 9.41 17.96
N GLN A 86 7.93 9.41 17.97
CA GLN A 86 8.67 10.03 19.07
C GLN A 86 8.40 11.53 19.14
N MET A 87 8.31 12.20 17.99
CA MET A 87 7.93 13.60 17.96
C MET A 87 6.55 13.82 18.58
N SER A 88 5.57 12.98 18.22
CA SER A 88 4.22 13.10 18.76
C SER A 88 4.15 12.83 20.24
N LEU A 89 5.14 12.12 20.79
CA LEU A 89 5.26 11.85 22.22
C LEU A 89 6.13 12.88 22.90
N ASN A 90 6.55 13.93 22.19
CA ASN A 90 7.37 15.02 22.72
C ASN A 90 8.78 14.58 23.09
N ASP A 91 9.28 13.51 22.46
CA ASP A 91 10.65 13.05 22.69
C ASP A 91 11.49 13.47 21.48
N PHE A 92 11.80 14.76 21.45
CA PHE A 92 12.42 15.36 20.27
C PHE A 92 13.87 14.96 20.13
N GLY A 93 14.57 14.74 21.23
CA GLY A 93 15.95 14.28 21.12
C GLY A 93 16.03 12.90 20.49
N HIS A 94 15.20 11.98 20.97
CA HIS A 94 15.14 10.66 20.37
C HIS A 94 14.68 10.76 18.93
N ALA A 95 13.68 11.60 18.67
CA ALA A 95 13.14 11.71 17.32
C ALA A 95 14.19 12.20 16.35
N MET A 96 14.98 13.21 16.75
CA MET A 96 16.02 13.72 15.85
C MET A 96 16.99 12.62 15.46
N GLU A 97 17.38 11.78 16.40
CA GLU A 97 18.33 10.72 16.08
C GLU A 97 17.69 9.71 15.14
N SER A 98 16.44 9.34 15.39
CA SER A 98 15.74 8.41 14.50
C SER A 98 15.62 8.99 13.09
N LEU A 99 15.25 10.27 13.00
CA LEU A 99 15.07 10.88 11.69
C LEU A 99 16.40 11.03 10.98
N ARG A 100 17.48 11.31 11.72
CA ARG A 100 18.80 11.37 11.09
C ARG A 100 19.17 10.05 10.45
N LYS A 101 18.88 8.94 11.14
CA LYS A 101 19.14 7.62 10.57
C LYS A 101 18.25 7.35 9.37
N ALA A 102 16.97 7.74 9.46
CA ALA A 102 16.06 7.55 8.34
C ALA A 102 16.56 8.31 7.11
N TRP A 103 16.98 9.55 7.31
CA TRP A 103 17.42 10.38 6.19
C TRP A 103 18.61 9.74 5.50
N ALA A 104 19.57 9.24 6.28
CA ALA A 104 20.77 8.65 5.71
C ALA A 104 20.43 7.41 4.86
N LEU A 105 19.36 6.71 5.21
CA LEU A 105 19.00 5.46 4.55
C LEU A 105 17.94 5.63 3.48
N ALA A 106 17.35 6.81 3.34
CA ALA A 106 16.14 6.93 2.55
C ALA A 106 16.46 7.05 1.06
N PRO A 107 15.60 6.53 0.20
CA PRO A 107 15.70 6.87 -1.22
C PRO A 107 15.60 8.37 -1.39
N SER A 108 16.21 8.89 -2.45
CA SER A 108 16.19 10.34 -2.69
C SER A 108 14.76 10.86 -2.79
N GLU A 109 13.80 10.00 -3.19
CA GLU A 109 12.41 10.44 -3.28
C GLU A 109 11.89 10.88 -1.92
N ASN A 110 12.37 10.23 -0.86
CA ASN A 110 11.79 10.37 0.46
C ASN A 110 12.53 11.34 1.37
N LYS A 111 13.70 11.82 0.95
CA LYS A 111 14.54 12.60 1.84
C LYS A 111 13.89 13.91 2.23
N GLU A 112 13.16 14.54 1.31
CA GLU A 112 12.60 15.86 1.61
C GLU A 112 11.63 15.83 2.78
N ALA A 113 10.74 14.83 2.81
CA ALA A 113 9.80 14.73 3.92
C ALA A 113 10.52 14.51 5.25
N ILE A 114 11.61 13.76 5.21
CA ILE A 114 12.40 13.51 6.42
C ILE A 114 13.12 14.77 6.85
N ARG A 115 13.69 15.50 5.90
CA ARG A 115 14.35 16.77 6.21
C ARG A 115 13.36 17.73 6.85
N VAL A 116 12.13 17.77 6.34
CA VAL A 116 11.12 18.66 6.89
C VAL A 116 10.76 18.25 8.31
N ALA A 117 10.61 16.94 8.55
CA ALA A 117 10.32 16.48 9.91
C ALA A 117 11.44 16.86 10.87
N MET A 118 12.70 16.78 10.42
CA MET A 118 13.81 17.18 11.28
C MET A 118 13.80 18.68 11.57
N ALA A 119 13.40 19.50 10.59
CA ALA A 119 13.28 20.92 10.85
C ALA A 119 12.19 21.20 11.87
N LYS A 120 11.06 20.48 11.78
CA LYS A 120 10.01 20.65 12.78
C LYS A 120 10.50 20.21 14.14
N CYS A 121 11.22 19.10 14.18
CA CYS A 121 11.73 18.58 15.44
C CYS A 121 12.69 19.57 16.09
N GLU A 122 13.60 20.16 15.30
CA GLU A 122 14.54 21.11 15.88
C GLU A 122 13.83 22.34 16.43
N SER A 123 12.72 22.75 15.80
CA SER A 123 12.03 23.95 16.27
C SER A 123 11.46 23.77 17.66
N LYS A 124 11.26 22.53 18.10
CA LYS A 124 10.73 22.23 19.42
C LYS A 124 11.83 22.03 20.45
N MET A 125 13.10 22.06 20.05
CA MET A 125 14.21 21.76 20.94
C MET A 125 14.79 23.06 21.49
N ALA A 126 15.09 23.07 22.79
CA ALA A 126 15.51 24.31 23.44
C ALA A 126 16.51 23.99 24.54
N ARG A 127 16.94 25.04 25.25
CA ARG A 127 17.93 24.91 26.32
C ARG A 127 17.48 25.58 27.62
N GLY B 8 10.22 -12.84 -2.58
CA GLY B 8 8.89 -13.11 -3.08
C GLY B 8 7.84 -12.33 -2.33
N THR B 9 7.65 -12.67 -1.05
CA THR B 9 6.94 -11.76 -0.16
C THR B 9 7.72 -10.46 -0.02
N ARG B 10 9.06 -10.55 -0.01
CA ARG B 10 9.88 -9.35 0.08
C ARG B 10 9.83 -8.56 -1.22
N LEU B 11 9.78 -9.25 -2.36
CA LEU B 11 9.58 -8.57 -3.63
C LEU B 11 8.24 -7.86 -3.67
N ARG B 12 7.19 -8.50 -3.15
CA ARG B 12 5.89 -7.84 -3.07
C ARG B 12 5.96 -6.57 -2.21
N GLU B 13 6.63 -6.64 -1.05
CA GLU B 13 6.76 -5.46 -0.20
C GLU B 13 7.50 -4.35 -0.91
N GLU B 14 8.62 -4.69 -1.53
CA GLU B 14 9.40 -3.67 -2.22
C GLU B 14 8.58 -3.04 -3.33
N GLY B 15 7.80 -3.87 -4.04
CA GLY B 15 6.93 -3.32 -5.06
C GLY B 15 5.88 -2.40 -4.49
N ASN B 16 5.30 -2.77 -3.35
CA ASN B 16 4.30 -1.93 -2.71
C ASN B 16 4.93 -0.61 -2.24
N GLU B 17 6.13 -0.67 -1.69
CA GLU B 17 6.81 0.56 -1.30
C GLU B 17 7.13 1.42 -2.51
N ALA B 18 7.58 0.81 -3.61
CA ALA B 18 7.83 1.59 -4.82
C ALA B 18 6.56 2.25 -5.33
N PHE B 19 5.46 1.51 -5.34
CA PHE B 19 4.20 2.11 -5.78
C PHE B 19 3.82 3.29 -4.90
N LYS B 20 3.96 3.13 -3.58
CA LYS B 20 3.62 4.23 -2.66
C LYS B 20 4.45 5.47 -2.94
N ALA B 21 5.70 5.31 -3.37
CA ALA B 21 6.59 6.43 -3.67
C ALA B 21 6.43 6.96 -5.09
N GLY B 22 5.50 6.42 -5.88
CA GLY B 22 5.35 6.84 -7.26
C GLY B 22 6.36 6.27 -8.24
N ARG B 23 7.16 5.31 -7.82
CA ARG B 23 8.16 4.71 -8.71
C ARG B 23 7.50 3.54 -9.47
N TYR B 24 6.65 3.91 -10.43
CA TYR B 24 5.74 2.91 -11.01
C TYR B 24 6.50 1.91 -11.88
N HIS B 25 7.50 2.37 -12.63
CA HIS B 25 8.31 1.44 -13.40
C HIS B 25 9.03 0.46 -12.50
N GLU B 26 9.56 0.96 -11.37
CA GLU B 26 10.21 0.08 -10.41
C GLU B 26 9.21 -0.87 -9.76
N ALA B 27 8.02 -0.37 -9.43
CA ALA B 27 7.00 -1.27 -8.89
C ALA B 27 6.68 -2.38 -9.87
N ILE B 28 6.56 -2.04 -11.16
CA ILE B 28 6.28 -3.06 -12.16
C ILE B 28 7.37 -4.12 -12.17
N ARG B 29 8.62 -3.70 -12.07
CA ARG B 29 9.72 -4.66 -12.06
C ARG B 29 9.66 -5.57 -10.85
N TYR B 30 9.38 -5.02 -9.66
CA TYR B 30 9.34 -5.85 -8.47
C TYR B 30 8.14 -6.78 -8.50
N TYR B 31 6.98 -6.26 -8.94
CA TYR B 31 5.78 -7.07 -9.02
C TYR B 31 5.94 -8.18 -10.04
N THR B 32 6.61 -7.89 -11.16
CA THR B 32 6.88 -8.92 -12.16
C THR B 32 7.72 -10.04 -11.56
N GLN B 33 8.76 -9.70 -10.79
CA GLN B 33 9.56 -10.73 -10.13
C GLN B 33 8.72 -11.50 -9.12
N ALA B 34 7.87 -10.80 -8.37
CA ALA B 34 7.00 -11.45 -7.40
C ALA B 34 6.02 -12.38 -8.07
N ILE B 35 5.48 -11.97 -9.22
CA ILE B 35 4.50 -12.79 -9.93
C ILE B 35 5.16 -14.05 -10.48
N GLU B 36 6.44 -13.95 -10.87
CA GLU B 36 7.17 -15.14 -11.32
C GLU B 36 7.24 -16.19 -10.20
N VAL B 37 7.37 -15.73 -8.95
CA VAL B 37 7.40 -16.64 -7.82
C VAL B 37 5.99 -17.11 -7.47
N ASP B 38 5.03 -16.18 -7.48
CA ASP B 38 3.68 -16.43 -6.99
C ASP B 38 2.69 -15.91 -8.03
N PRO B 39 2.25 -16.76 -8.96
CA PRO B 39 1.31 -16.33 -9.99
C PRO B 39 -0.16 -16.43 -9.60
N ASP B 40 -0.46 -16.64 -8.31
CA ASP B 40 -1.82 -16.88 -7.87
C ASP B 40 -2.40 -15.78 -6.99
N SER B 41 -1.85 -14.56 -7.04
CA SER B 41 -2.28 -13.48 -6.16
C SER B 41 -3.07 -12.44 -6.95
N GLU B 42 -4.36 -12.31 -6.62
CA GLU B 42 -5.15 -11.26 -7.24
C GLU B 42 -4.66 -9.89 -6.82
N PHE B 43 -4.01 -9.81 -5.66
CA PHE B 43 -3.47 -8.52 -5.21
C PHE B 43 -2.29 -8.10 -6.06
N LEU B 44 -1.36 -9.03 -6.34
CA LEU B 44 -0.19 -8.66 -7.14
C LEU B 44 -0.62 -8.22 -8.53
N TYR B 45 -1.54 -8.96 -9.13
CA TYR B 45 -1.95 -8.62 -10.49
C TYR B 45 -2.71 -7.29 -10.50
N THR B 46 -3.54 -7.04 -9.48
CA THR B 46 -4.25 -5.77 -9.43
C THR B 46 -3.29 -4.61 -9.21
N ASN B 47 -2.28 -4.80 -8.34
CA ASN B 47 -1.32 -3.74 -8.09
C ASN B 47 -0.47 -3.47 -9.32
N ARG B 48 -0.03 -4.53 -10.01
CA ARG B 48 0.70 -4.28 -11.24
C ARG B 48 -0.19 -3.67 -12.31
N SER B 49 -1.46 -4.06 -12.37
CA SER B 49 -2.39 -3.42 -13.29
C SER B 49 -2.46 -1.92 -13.02
N PHE B 50 -2.50 -1.53 -11.76
CA PHE B 50 -2.58 -0.12 -11.40
C PHE B 50 -1.32 0.61 -11.82
N ALA B 51 -0.16 0.01 -11.56
CA ALA B 51 1.10 0.63 -11.99
C ALA B 51 1.15 0.82 -13.50
N TYR B 52 0.74 -0.20 -14.26
CA TYR B 52 0.70 -0.06 -15.71
C TYR B 52 -0.25 1.05 -16.14
N PHE B 53 -1.41 1.15 -15.50
CA PHE B 53 -2.35 2.21 -15.85
C PHE B 53 -1.71 3.57 -15.63
N ASN B 54 -0.95 3.72 -14.54
CA ASN B 54 -0.35 5.00 -14.21
C ASN B 54 0.75 5.41 -15.16
N ILE B 55 1.30 4.48 -15.93
CA ILE B 55 2.27 4.83 -16.96
C ILE B 55 1.67 4.68 -18.35
N LYS B 56 0.34 4.64 -18.44
CA LYS B 56 -0.41 4.65 -19.70
C LYS B 56 -0.21 3.39 -20.53
N GLU B 57 0.18 2.28 -19.91
CA GLU B 57 0.23 0.98 -20.59
C GLU B 57 -1.11 0.30 -20.38
N PHE B 58 -2.11 0.78 -21.12
CA PHE B 58 -3.49 0.37 -20.84
C PHE B 58 -3.74 -1.09 -21.23
N GLU B 59 -3.12 -1.56 -22.31
CA GLU B 59 -3.33 -2.96 -22.69
C GLU B 59 -2.74 -3.89 -21.64
N LYS B 60 -1.54 -3.60 -21.18
CA LYS B 60 -0.92 -4.39 -20.13
C LYS B 60 -1.71 -4.29 -18.84
N SER B 61 -2.26 -3.10 -18.55
CA SER B 61 -3.09 -2.93 -17.37
C SER B 61 -4.30 -3.84 -17.43
N ALA B 62 -4.96 -3.87 -18.58
CA ALA B 62 -6.17 -4.69 -18.71
C ALA B 62 -5.83 -6.17 -18.61
N ALA B 63 -4.70 -6.60 -19.20
CA ALA B 63 -4.33 -8.00 -19.12
C ALA B 63 -4.11 -8.44 -17.68
N ASP B 64 -3.44 -7.59 -16.89
CA ASP B 64 -3.18 -7.92 -15.48
C ASP B 64 -4.49 -7.96 -14.69
N ALA B 65 -5.35 -6.96 -14.89
CA ALA B 65 -6.59 -6.94 -14.13
C ALA B 65 -7.45 -8.14 -14.49
N ALA B 66 -7.44 -8.55 -15.76
CA ALA B 66 -8.18 -9.75 -16.14
C ALA B 66 -7.61 -11.00 -15.45
N LYS B 67 -6.30 -11.05 -15.26
CA LYS B 67 -5.72 -12.17 -14.53
C LYS B 67 -6.15 -12.14 -13.07
N ALA B 68 -6.29 -10.95 -12.49
CA ALA B 68 -6.80 -10.84 -11.13
C ALA B 68 -8.23 -11.35 -11.03
N VAL B 69 -9.09 -10.98 -11.98
CA VAL B 69 -10.49 -11.41 -11.99
C VAL B 69 -10.59 -12.92 -12.18
N GLU B 70 -9.65 -13.50 -12.92
CA GLU B 70 -9.62 -14.94 -13.11
C GLU B 70 -9.31 -15.67 -11.81
N ILE B 71 -8.37 -15.13 -11.04
CA ILE B 71 -7.99 -15.71 -9.74
C ILE B 71 -9.11 -15.56 -8.71
N ASN B 72 -9.71 -14.38 -8.64
CA ASN B 72 -10.75 -14.06 -7.65
C ASN B 72 -11.78 -13.14 -8.29
N ALA B 73 -12.83 -13.73 -8.86
CA ALA B 73 -13.87 -12.94 -9.51
C ALA B 73 -14.67 -12.11 -8.52
N ASN B 74 -14.53 -12.34 -7.22
CA ASN B 74 -15.25 -11.57 -6.23
C ASN B 74 -14.41 -10.43 -5.65
N PHE B 75 -13.21 -10.18 -6.18
CA PHE B 75 -12.40 -9.06 -5.72
C PHE B 75 -12.76 -7.81 -6.52
N PHE B 76 -13.39 -6.84 -5.85
CA PHE B 76 -13.93 -5.70 -6.61
C PHE B 76 -12.84 -4.93 -7.35
N LYS B 77 -11.63 -4.85 -6.78
CA LYS B 77 -10.60 -3.98 -7.34
C LYS B 77 -10.10 -4.51 -8.67
N GLY B 78 -10.08 -5.83 -8.85
CA GLY B 78 -9.74 -6.37 -10.16
C GLY B 78 -10.69 -5.89 -11.25
N HIS B 79 -12.00 -5.97 -10.98
CA HIS B 79 -12.98 -5.47 -11.95
C HIS B 79 -12.88 -3.97 -12.14
N TYR B 80 -12.62 -3.22 -11.08
CA TYR B 80 -12.50 -1.78 -11.23
C TYR B 80 -11.30 -1.41 -12.09
N ARG B 81 -10.13 -2.01 -11.79
CA ARG B 81 -8.94 -1.74 -12.60
C ARG B 81 -9.18 -2.18 -14.03
N LEU B 82 -9.83 -3.33 -14.23
CA LEU B 82 -10.12 -3.79 -15.59
C LEU B 82 -11.00 -2.79 -16.32
N GLY B 83 -12.08 -2.34 -15.67
CA GLY B 83 -12.98 -1.40 -16.29
C GLY B 83 -12.31 -0.09 -16.65
N LEU B 84 -11.47 0.43 -15.76
CA LEU B 84 -10.74 1.66 -16.07
C LEU B 84 -9.83 1.48 -17.28
N ALA B 85 -9.14 0.33 -17.36
CA ALA B 85 -8.26 0.11 -18.50
C ALA B 85 -9.06 -0.06 -19.77
N GLN B 86 -10.19 -0.78 -19.69
CA GLN B 86 -11.05 -0.95 -20.86
C GLN B 86 -11.60 0.40 -21.33
N MET B 87 -12.00 1.28 -20.42
CA MET B 87 -12.42 2.62 -20.83
C MET B 87 -11.32 3.35 -21.57
N SER B 88 -10.09 3.27 -21.06
CA SER B 88 -8.97 3.95 -21.72
C SER B 88 -8.64 3.35 -23.06
N LEU B 89 -9.04 2.11 -23.32
CA LEU B 89 -8.90 1.46 -24.60
C LEU B 89 -10.13 1.65 -25.47
N ASN B 90 -11.08 2.46 -25.04
CA ASN B 90 -12.30 2.76 -25.80
C ASN B 90 -13.22 1.56 -25.94
N ASP B 91 -13.12 0.60 -25.01
CA ASP B 91 -13.99 -0.56 -24.97
C ASP B 91 -15.05 -0.36 -23.88
N PHE B 92 -16.01 0.50 -24.19
CA PHE B 92 -16.94 0.99 -23.18
C PHE B 92 -18.00 -0.04 -22.81
N GLY B 93 -18.37 -0.93 -23.73
CA GLY B 93 -19.31 -1.97 -23.37
C GLY B 93 -18.69 -2.93 -22.38
N HIS B 94 -17.46 -3.37 -22.66
CA HIS B 94 -16.74 -4.20 -21.72
C HIS B 94 -16.52 -3.45 -20.41
N ALA B 95 -16.13 -2.18 -20.50
CA ALA B 95 -15.85 -1.43 -19.29
C ALA B 95 -17.07 -1.33 -18.41
N MET B 96 -18.24 -1.07 -19.00
CA MET B 96 -19.41 -0.87 -18.17
C MET B 96 -19.79 -2.17 -17.47
N GLU B 97 -19.62 -3.31 -18.13
CA GLU B 97 -19.91 -4.58 -17.46
C GLU B 97 -18.93 -4.81 -16.32
N SER B 98 -17.64 -4.51 -16.54
CA SER B 98 -16.67 -4.64 -15.46
C SER B 98 -17.02 -3.72 -14.30
N LEU B 99 -17.40 -2.48 -14.61
CA LEU B 99 -17.65 -1.51 -13.55
C LEU B 99 -18.92 -1.86 -12.79
N ARG B 100 -19.93 -2.44 -13.46
CA ARG B 100 -21.11 -2.89 -12.73
C ARG B 100 -20.75 -3.99 -11.74
N LYS B 101 -19.85 -4.89 -12.14
CA LYS B 101 -19.42 -5.93 -11.22
C LYS B 101 -18.63 -5.32 -10.06
N ALA B 102 -17.72 -4.38 -10.36
CA ALA B 102 -16.99 -3.71 -9.30
C ALA B 102 -17.94 -3.04 -8.34
N TRP B 103 -18.94 -2.34 -8.87
CA TRP B 103 -19.91 -1.67 -8.02
C TRP B 103 -20.55 -2.65 -7.05
N ALA B 104 -20.99 -3.79 -7.57
CA ALA B 104 -21.75 -4.73 -6.75
C ALA B 104 -20.89 -5.39 -5.70
N LEU B 105 -19.57 -5.44 -5.91
CA LEU B 105 -18.65 -6.06 -4.99
C LEU B 105 -17.97 -5.06 -4.07
N ALA B 106 -18.17 -3.76 -4.27
CA ALA B 106 -17.31 -2.76 -3.68
C ALA B 106 -17.70 -2.44 -2.24
N PRO B 107 -16.71 -2.13 -1.40
CA PRO B 107 -16.99 -1.48 -0.12
C PRO B 107 -17.68 -0.14 -0.33
N SER B 108 -18.41 0.28 0.70
CA SER B 108 -19.18 1.52 0.62
C SER B 108 -18.30 2.71 0.24
N GLU B 109 -17.07 2.77 0.77
CA GLU B 109 -16.20 3.90 0.51
C GLU B 109 -15.72 3.98 -0.94
N ASN B 110 -15.86 2.90 -1.71
CA ASN B 110 -15.41 2.88 -3.10
C ASN B 110 -16.55 3.11 -4.10
N LYS B 111 -17.80 3.15 -3.64
CA LYS B 111 -18.92 3.21 -4.56
C LYS B 111 -18.87 4.47 -5.42
N GLU B 112 -18.51 5.61 -4.81
CA GLU B 112 -18.57 6.88 -5.53
C GLU B 112 -17.63 6.88 -6.73
N ALA B 113 -16.40 6.40 -6.52
CA ALA B 113 -15.43 6.36 -7.60
C ALA B 113 -15.93 5.49 -8.74
N ILE B 114 -16.61 4.40 -8.41
CA ILE B 114 -17.10 3.51 -9.46
C ILE B 114 -18.29 4.14 -10.19
N ARG B 115 -19.17 4.82 -9.44
CA ARG B 115 -20.29 5.53 -10.06
C ARG B 115 -19.80 6.59 -11.03
N VAL B 116 -18.76 7.33 -10.64
CA VAL B 116 -18.19 8.35 -11.52
C VAL B 116 -17.64 7.71 -12.78
N ALA B 117 -16.87 6.63 -12.63
CA ALA B 117 -16.37 5.93 -13.81
C ALA B 117 -17.49 5.49 -14.73
N MET B 118 -18.61 5.00 -14.17
CA MET B 118 -19.71 4.57 -15.01
C MET B 118 -20.36 5.77 -15.70
N ALA B 119 -20.40 6.93 -15.04
CA ALA B 119 -20.95 8.11 -15.69
C ALA B 119 -20.11 8.51 -16.88
N LYS B 120 -18.78 8.44 -16.74
CA LYS B 120 -17.89 8.78 -17.84
C LYS B 120 -18.02 7.76 -18.96
N CYS B 121 -18.13 6.48 -18.59
CA CYS B 121 -18.32 5.41 -19.58
C CYS B 121 -19.60 5.61 -20.38
N GLU B 122 -20.71 5.86 -19.70
CA GLU B 122 -21.99 5.93 -20.41
C GLU B 122 -22.06 7.12 -21.35
N SER B 123 -21.34 8.20 -21.03
CA SER B 123 -21.34 9.35 -21.93
C SER B 123 -20.77 9.02 -23.29
N LYS B 124 -19.94 7.97 -23.40
CA LYS B 124 -19.33 7.56 -24.65
C LYS B 124 -20.12 6.46 -25.37
N MET B 125 -21.26 6.03 -24.83
CA MET B 125 -22.07 4.93 -25.36
C MET B 125 -23.48 5.38 -25.70
N ALA B 126 -24.38 4.38 -25.80
CA ALA B 126 -25.84 4.53 -25.88
C ALA B 126 -26.39 5.89 -26.31
#